data_3SCF
#
_entry.id   3SCF
#
_cell.length_a   111.661
_cell.length_b   111.661
_cell.length_c   152.158
_cell.angle_alpha   90.00
_cell.angle_beta   90.00
_cell.angle_gamma   90.00
#
_symmetry.space_group_name_H-M   'P 42 21 2'
#
loop_
_entity.id
_entity.type
_entity.pdbx_description
1 polymer Epoxidase
2 non-polymer 'FE (II) ION'
3 non-polymer 'NITRIC OXIDE'
4 non-polymer '(S)-2-HYDROXYPROPYLPHOSPHONIC ACID'
5 non-polymer GLYCEROL
6 water water
#
_entity_poly.entity_id   1
_entity_poly.type   'polypeptide(L)'
_entity_poly.pdbx_seq_one_letter_code
;MSNTKTASTGFAELLKDRREQVKMDHAALASLLGETPETVAAWENGEGGELTLTQLGRIAHVLGTSIGALTPPAGNDLDD
GVIIQMPDERPILKGVRDNVDYYVYNCLVRTKRAPSLVPLVVDVLTDNPDDAKFNSGHAGNEFLFVLEGEIHMKWGDKEN
PKEALLPTGASMFVEEHVPHAFTAAKGTGSAKLIAVNF
;
_entity_poly.pdbx_strand_id   A,B,C
#
# COMPACT_ATOMS: atom_id res chain seq x y z
N THR A 6 11.08 14.07 18.24
CA THR A 6 9.67 13.76 18.64
C THR A 6 8.95 13.01 17.52
N ALA A 7 9.08 11.69 17.52
CA ALA A 7 8.43 10.85 16.52
C ALA A 7 6.92 11.02 16.61
N SER A 8 6.41 10.86 17.82
CA SER A 8 4.98 10.99 18.07
C SER A 8 4.46 12.36 17.64
N THR A 9 5.13 13.42 18.05
CA THR A 9 4.71 14.76 17.67
C THR A 9 4.63 14.90 16.16
N GLY A 10 5.67 14.44 15.48
CA GLY A 10 5.70 14.53 14.04
C GLY A 10 4.51 13.82 13.42
N PHE A 11 4.36 12.55 13.79
CA PHE A 11 3.25 11.72 13.31
C PHE A 11 1.94 12.44 13.61
N ALA A 12 1.84 12.98 14.81
CA ALA A 12 0.62 13.68 15.22
C ALA A 12 0.26 14.82 14.29
N GLU A 13 1.24 15.67 13.96
CA GLU A 13 1.04 16.75 12.99
C GLU A 13 0.80 16.25 11.57
N LEU A 14 1.58 15.26 11.14
CA LEU A 14 1.51 14.75 9.77
C LEU A 14 0.24 13.98 9.47
N LEU A 15 -0.24 13.22 10.44
CA LEU A 15 -1.46 12.44 10.30
C LEU A 15 -2.61 13.40 10.09
N LYS A 16 -2.66 14.41 10.95
CA LYS A 16 -3.70 15.43 10.89
C LYS A 16 -3.76 16.04 9.50
N ASP A 17 -2.62 16.50 9.02
CA ASP A 17 -2.57 17.11 7.70
C ASP A 17 -3.15 16.17 6.65
N ARG A 18 -2.54 15.00 6.50
CA ARG A 18 -3.00 14.03 5.51
C ARG A 18 -4.48 13.70 5.61
N ARG A 19 -4.97 13.54 6.84
CA ARG A 19 -6.38 13.23 7.00
C ARG A 19 -7.24 14.31 6.33
N GLU A 20 -7.02 15.55 6.72
CA GLU A 20 -7.76 16.68 6.18
C GLU A 20 -7.54 16.76 4.69
N GLN A 21 -6.30 16.50 4.28
CA GLN A 21 -5.92 16.55 2.88
C GLN A 21 -6.86 15.68 2.04
N VAL A 22 -7.10 14.45 2.47
CA VAL A 22 -7.99 13.54 1.74
C VAL A 22 -9.42 13.58 2.25
N LYS A 23 -9.79 14.69 2.88
CA LYS A 23 -11.13 14.91 3.39
C LYS A 23 -11.76 13.81 4.23
N MET A 24 -11.20 13.59 5.39
CA MET A 24 -11.72 12.60 6.32
C MET A 24 -11.76 13.17 7.74
N ASP A 25 -12.80 12.84 8.47
CA ASP A 25 -12.94 13.28 9.85
C ASP A 25 -12.49 12.11 10.70
N HIS A 26 -12.25 12.36 11.98
CA HIS A 26 -11.83 11.28 12.85
C HIS A 26 -12.65 10.03 12.68
N ALA A 27 -13.96 10.22 12.54
CA ALA A 27 -14.88 9.10 12.39
C ALA A 27 -14.64 8.33 11.10
N ALA A 28 -14.51 9.04 9.99
CA ALA A 28 -14.30 8.40 8.69
C ALA A 28 -13.11 7.48 8.77
N LEU A 29 -12.00 8.02 9.29
CA LEU A 29 -10.76 7.27 9.42
C LEU A 29 -10.84 6.12 10.40
N ALA A 30 -11.24 6.39 11.63
CA ALA A 30 -11.35 5.35 12.63
C ALA A 30 -12.06 4.10 12.08
N SER A 31 -13.09 4.33 11.27
CA SER A 31 -13.87 3.25 10.68
C SER A 31 -13.00 2.35 9.84
N LEU A 32 -12.44 2.94 8.79
CA LEU A 32 -11.58 2.20 7.89
C LEU A 32 -10.49 1.41 8.64
N LEU A 33 -10.14 1.87 9.84
CA LEU A 33 -9.10 1.22 10.62
C LEU A 33 -9.61 0.30 11.71
N GLY A 34 -10.90 0.30 11.97
CA GLY A 34 -11.44 -0.55 13.01
C GLY A 34 -11.09 -0.01 14.39
N GLU A 35 -11.03 1.32 14.48
CA GLU A 35 -10.72 2.02 15.72
C GLU A 35 -11.86 2.98 16.08
N THR A 36 -11.76 3.60 17.26
CA THR A 36 -12.79 4.56 17.69
C THR A 36 -12.32 5.98 17.40
N PRO A 37 -13.26 6.89 17.05
CA PRO A 37 -12.87 8.27 16.76
C PRO A 37 -12.02 8.85 17.88
N GLU A 38 -12.29 8.46 19.11
CA GLU A 38 -11.55 8.99 20.22
C GLU A 38 -10.10 8.63 20.06
N THR A 39 -9.83 7.41 19.63
CA THR A 39 -8.46 6.95 19.43
C THR A 39 -7.77 7.86 18.39
N VAL A 40 -8.30 7.91 17.18
CA VAL A 40 -7.71 8.74 16.13
C VAL A 40 -7.40 10.12 16.68
N ALA A 41 -8.39 10.74 17.32
CA ALA A 41 -8.20 12.07 17.89
C ALA A 41 -7.02 12.05 18.83
N ALA A 42 -6.90 11.00 19.63
CA ALA A 42 -5.79 10.87 20.57
C ALA A 42 -4.47 10.97 19.81
N TRP A 43 -4.27 10.08 18.84
CA TRP A 43 -3.05 10.05 18.04
C TRP A 43 -2.62 11.43 17.61
N GLU A 44 -3.58 12.23 17.14
CA GLU A 44 -3.27 13.57 16.67
C GLU A 44 -2.69 14.42 17.79
N ASN A 45 -2.56 13.81 18.97
CA ASN A 45 -1.98 14.45 20.13
C ASN A 45 -0.59 13.93 20.50
N GLY A 46 -0.04 13.08 19.66
CA GLY A 46 1.24 12.45 19.94
C GLY A 46 1.11 11.23 20.83
N GLU A 47 -0.13 10.87 21.15
CA GLU A 47 -0.43 9.69 21.93
C GLU A 47 -0.31 8.42 21.09
N GLY A 48 0.31 8.50 19.92
CA GLY A 48 0.45 7.32 19.08
C GLY A 48 1.77 6.59 19.20
N GLY A 49 2.67 7.13 20.02
CA GLY A 49 3.98 6.53 20.21
C GLY A 49 4.05 5.03 20.36
N GLU A 50 2.97 4.43 20.87
CA GLU A 50 2.99 2.99 21.07
C GLU A 50 2.52 2.21 19.86
N LEU A 51 2.22 2.89 18.75
CA LEU A 51 1.77 2.18 17.56
C LEU A 51 2.85 1.29 16.98
N THR A 52 2.48 0.16 16.42
CA THR A 52 3.48 -0.72 15.85
C THR A 52 3.74 -0.44 14.38
N LEU A 53 4.86 -0.93 13.89
CA LEU A 53 5.24 -0.75 12.49
C LEU A 53 4.15 -1.21 11.54
N THR A 54 3.48 -2.31 11.86
CA THR A 54 2.43 -2.83 11.01
C THR A 54 1.20 -1.93 11.03
N GLN A 55 0.83 -1.43 12.20
CA GLN A 55 -0.32 -0.56 12.29
C GLN A 55 -0.08 0.70 11.49
N LEU A 56 1.07 1.32 11.70
CA LEU A 56 1.44 2.54 10.99
C LEU A 56 1.36 2.17 9.52
N GLY A 57 1.74 0.94 9.20
CA GLY A 57 1.68 0.49 7.84
C GLY A 57 0.27 0.51 7.31
N ARG A 58 -0.68 0.06 8.12
CA ARG A 58 -2.08 0.03 7.72
C ARG A 58 -2.66 1.44 7.66
N ILE A 59 -2.36 2.26 8.65
CA ILE A 59 -2.86 3.65 8.66
C ILE A 59 -2.47 4.37 7.37
N ALA A 60 -1.23 4.16 6.94
CA ALA A 60 -0.73 4.77 5.72
C ALA A 60 -1.59 4.34 4.54
N HIS A 61 -1.74 3.03 4.40
CA HIS A 61 -2.54 2.43 3.32
C HIS A 61 -3.89 3.12 3.20
N VAL A 62 -4.60 3.17 4.33
CA VAL A 62 -5.91 3.78 4.39
C VAL A 62 -5.87 5.20 3.87
N LEU A 63 -4.87 5.94 4.34
CA LEU A 63 -4.67 7.32 3.93
C LEU A 63 -3.98 7.36 2.57
N GLY A 64 -3.93 6.21 1.91
CA GLY A 64 -3.32 6.12 0.60
C GLY A 64 -1.96 6.74 0.43
N THR A 65 -1.16 6.75 1.49
CA THR A 65 0.17 7.34 1.40
C THR A 65 1.16 6.35 2.04
N SER A 66 2.31 6.85 2.49
CA SER A 66 3.37 5.98 2.98
C SER A 66 3.75 6.36 4.41
N ILE A 67 4.35 5.42 5.13
CA ILE A 67 4.75 5.67 6.50
C ILE A 67 5.69 6.86 6.52
N GLY A 68 6.58 6.92 5.54
CA GLY A 68 7.50 8.03 5.46
C GLY A 68 6.75 9.34 5.45
N ALA A 69 5.78 9.45 4.52
CA ALA A 69 4.97 10.66 4.39
C ALA A 69 4.28 11.04 5.71
N LEU A 70 4.08 10.07 6.59
CA LEU A 70 3.44 10.36 7.86
C LEU A 70 4.42 10.55 9.01
N THR A 71 5.68 10.17 8.81
CA THR A 71 6.67 10.37 9.87
C THR A 71 7.48 11.62 9.59
N PRO A 72 8.12 12.20 10.62
CA PRO A 72 8.91 13.42 10.47
C PRO A 72 10.31 13.22 9.93
N PRO A 73 10.95 14.32 9.47
CA PRO A 73 12.30 14.28 8.92
C PRO A 73 13.27 13.78 9.97
N ALA A 74 14.38 13.20 9.52
CA ALA A 74 15.38 12.64 10.43
C ALA A 74 15.77 13.57 11.59
N GLY A 75 15.60 14.87 11.40
CA GLY A 75 15.94 15.80 12.46
C GLY A 75 17.17 16.59 12.10
N ASN A 76 17.55 17.55 12.95
CA ASN A 76 18.72 18.38 12.67
C ASN A 76 19.76 18.30 13.78
N ASP A 77 21.01 18.07 13.40
CA ASP A 77 22.10 17.98 14.37
C ASP A 77 23.26 18.92 14.05
N LEU A 78 23.03 19.86 13.14
CA LEU A 78 24.08 20.80 12.76
C LEU A 78 24.33 21.87 13.81
N ASP A 79 25.61 22.08 14.14
CA ASP A 79 26.00 23.11 15.11
C ASP A 79 26.08 24.42 14.32
N ASP A 80 24.93 25.07 14.18
CA ASP A 80 24.83 26.31 13.44
C ASP A 80 25.24 26.06 11.99
N GLY A 81 24.99 24.85 11.53
CA GLY A 81 25.29 24.48 10.16
C GLY A 81 26.51 23.63 9.95
N VAL A 82 27.08 23.08 11.03
CA VAL A 82 28.29 22.28 10.90
C VAL A 82 28.42 21.16 11.92
N ILE A 83 29.14 20.11 11.55
CA ILE A 83 29.39 18.98 12.44
C ILE A 83 30.88 18.70 12.27
N ILE A 84 31.55 18.41 13.37
CA ILE A 84 32.98 18.10 13.30
C ILE A 84 33.23 16.77 13.98
N GLN A 85 34.11 15.96 13.39
CA GLN A 85 34.46 14.69 14.00
C GLN A 85 35.96 14.65 14.17
N MET A 86 36.40 14.48 15.41
CA MET A 86 37.81 14.40 15.69
C MET A 86 38.29 13.00 15.35
N PRO A 87 39.47 12.90 14.74
CA PRO A 87 40.15 11.67 14.30
C PRO A 87 40.01 10.43 15.18
N ASP A 88 40.29 10.58 16.46
CA ASP A 88 40.24 9.45 17.39
C ASP A 88 38.84 8.89 17.60
N GLU A 89 37.83 9.76 17.57
CA GLU A 89 36.44 9.35 17.77
C GLU A 89 35.69 8.86 16.54
N ARG A 90 36.40 8.30 15.56
CA ARG A 90 35.75 7.80 14.36
C ARG A 90 35.63 6.27 14.35
N PRO A 91 34.39 5.76 14.34
CA PRO A 91 34.03 4.34 14.34
C PRO A 91 34.88 3.48 13.44
N ILE A 92 35.25 2.29 13.91
CA ILE A 92 36.06 1.36 13.12
C ILE A 92 35.23 0.10 12.85
N LEU A 93 35.41 -0.50 11.68
CA LEU A 93 34.65 -1.69 11.35
C LEU A 93 35.40 -2.69 10.48
N LYS A 94 35.85 -3.78 11.11
CA LYS A 94 36.60 -4.80 10.38
C LYS A 94 35.67 -5.37 9.33
N GLY A 95 36.18 -5.57 8.14
CA GLY A 95 35.40 -6.13 7.04
C GLY A 95 36.02 -7.37 6.41
N VAL A 96 35.40 -8.51 6.64
CA VAL A 96 35.90 -9.77 6.11
C VAL A 96 35.06 -10.37 4.99
N ARG A 97 35.69 -10.65 3.86
CA ARG A 97 35.02 -11.34 2.78
C ARG A 97 35.40 -12.81 2.86
N ASP A 98 34.50 -13.58 3.44
CA ASP A 98 34.72 -15.01 3.74
C ASP A 98 35.89 -15.17 4.73
N ASN A 99 35.87 -14.34 5.77
CA ASN A 99 36.89 -14.33 6.84
C ASN A 99 38.25 -13.86 6.32
N VAL A 100 38.24 -13.05 5.27
CA VAL A 100 39.48 -12.53 4.67
C VAL A 100 39.38 -11.05 5.00
N ASP A 101 40.24 -10.58 5.90
CA ASP A 101 40.27 -9.16 6.29
C ASP A 101 40.55 -8.39 5.01
N TYR A 102 39.50 -7.79 4.47
CA TYR A 102 39.59 -7.07 3.20
C TYR A 102 39.81 -5.58 3.40
N TYR A 103 38.86 -4.95 4.10
CA TYR A 103 38.96 -3.53 4.36
C TYR A 103 38.87 -3.30 5.86
N VAL A 104 38.93 -2.01 6.21
CA VAL A 104 38.81 -1.52 7.58
C VAL A 104 38.15 -0.16 7.38
N TYR A 105 37.08 0.09 8.11
CA TYR A 105 36.35 1.32 7.89
C TYR A 105 36.44 2.37 8.97
N ASN A 106 37.19 3.42 8.68
CA ASN A 106 37.38 4.51 9.61
C ASN A 106 36.35 5.55 9.27
N CYS A 107 35.10 5.28 9.66
CA CYS A 107 33.97 6.15 9.41
C CYS A 107 34.12 7.63 9.81
N LEU A 108 33.87 8.51 8.84
CA LEU A 108 33.96 9.94 9.07
C LEU A 108 32.63 10.57 9.50
N VAL A 109 32.61 11.90 9.57
CA VAL A 109 31.42 12.63 9.99
C VAL A 109 30.18 12.40 9.14
N ARG A 110 29.07 12.12 9.80
CA ARG A 110 27.79 11.90 9.16
C ARG A 110 26.79 12.97 9.61
N THR A 111 25.62 13.01 9.00
CA THR A 111 24.63 14.01 9.40
C THR A 111 23.20 13.68 8.97
N LYS A 112 22.24 13.94 9.86
CA LYS A 112 20.85 13.68 9.57
C LYS A 112 20.30 14.63 8.54
N ARG A 113 20.94 15.77 8.36
CA ARG A 113 20.53 16.69 7.31
C ARG A 113 20.86 16.17 5.92
N ALA A 114 21.65 15.09 5.86
CA ALA A 114 22.05 14.47 4.58
C ALA A 114 22.54 13.04 4.88
N PRO A 115 21.60 12.11 5.09
CA PRO A 115 21.95 10.72 5.40
C PRO A 115 22.64 10.00 4.26
N SER A 116 22.31 10.39 3.03
CA SER A 116 22.90 9.71 1.89
C SER A 116 24.43 9.86 1.90
N LEU A 117 24.92 10.80 2.72
CA LEU A 117 26.35 11.04 2.82
C LEU A 117 27.05 10.12 3.78
N VAL A 118 27.91 9.28 3.25
CA VAL A 118 28.66 8.33 4.06
C VAL A 118 30.12 8.42 3.69
N PRO A 119 30.90 9.22 4.45
CA PRO A 119 32.34 9.43 4.23
C PRO A 119 33.15 8.32 4.90
N LEU A 120 34.18 7.85 4.22
CA LEU A 120 34.98 6.77 4.77
C LEU A 120 36.44 6.78 4.38
N VAL A 121 37.29 6.49 5.36
CA VAL A 121 38.71 6.36 5.08
C VAL A 121 38.83 4.84 5.08
N VAL A 122 39.11 4.27 3.93
CA VAL A 122 39.20 2.82 3.83
C VAL A 122 40.60 2.24 3.72
N ASP A 123 40.93 1.35 4.64
CA ASP A 123 42.23 0.70 4.65
C ASP A 123 42.23 -0.59 3.83
N VAL A 124 42.85 -0.55 2.67
CA VAL A 124 42.93 -1.73 1.83
C VAL A 124 43.97 -2.67 2.44
N LEU A 125 43.49 -3.78 2.99
CA LEU A 125 44.35 -4.79 3.63
C LEU A 125 45.07 -5.74 2.68
N THR A 126 44.33 -6.44 1.82
CA THR A 126 44.97 -7.38 0.90
C THR A 126 45.60 -6.71 -0.30
N ASP A 127 46.51 -7.43 -0.96
CA ASP A 127 47.20 -6.91 -2.12
C ASP A 127 47.28 -7.98 -3.20
N ASN A 128 46.29 -8.87 -3.19
CA ASN A 128 46.20 -9.94 -4.18
C ASN A 128 45.12 -9.55 -5.19
N PRO A 129 45.52 -8.95 -6.32
CA PRO A 129 44.56 -8.53 -7.34
C PRO A 129 43.52 -9.61 -7.64
N ASP A 130 43.97 -10.84 -7.84
CA ASP A 130 43.07 -11.96 -8.13
C ASP A 130 42.21 -12.47 -6.98
N ASP A 131 42.67 -12.25 -5.75
CA ASP A 131 41.93 -12.69 -4.56
C ASP A 131 41.02 -11.51 -4.21
N ALA A 132 40.92 -10.53 -5.12
CA ALA A 132 40.00 -9.42 -4.96
C ALA A 132 38.54 -9.83 -4.98
N LYS A 133 37.81 -9.50 -3.91
CA LYS A 133 36.38 -9.82 -3.86
C LYS A 133 35.53 -8.60 -4.22
N PHE A 134 34.57 -8.83 -5.10
CA PHE A 134 33.68 -7.77 -5.56
C PHE A 134 32.46 -7.52 -4.68
N ASN A 135 31.77 -6.43 -4.99
CA ASN A 135 30.55 -6.02 -4.34
C ASN A 135 29.58 -5.81 -5.51
N SER A 136 28.32 -6.14 -5.30
CA SER A 136 27.33 -6.03 -6.36
C SER A 136 27.05 -4.60 -6.81
N GLY A 137 27.69 -3.63 -6.17
CA GLY A 137 27.44 -2.25 -6.52
C GLY A 137 26.41 -1.80 -5.49
N HIS A 138 26.36 -0.51 -5.19
CA HIS A 138 25.41 -0.03 -4.19
C HIS A 138 24.69 1.24 -4.62
N ALA A 139 23.61 1.57 -3.90
CA ALA A 139 22.83 2.75 -4.18
C ALA A 139 23.59 4.03 -3.84
N GLY A 140 23.33 5.09 -4.62
CA GLY A 140 24.11 6.31 -4.53
C GLY A 140 25.50 6.24 -5.13
N ASN A 141 25.96 7.37 -5.64
CA ASN A 141 27.29 7.44 -6.25
C ASN A 141 28.38 7.47 -5.20
N GLU A 142 29.61 7.22 -5.64
CA GLU A 142 30.74 7.20 -4.73
C GLU A 142 31.91 7.97 -5.28
N PHE A 143 32.56 8.73 -4.41
CA PHE A 143 33.73 9.48 -4.82
C PHE A 143 34.93 8.88 -4.11
N LEU A 144 35.96 8.59 -4.89
CA LEU A 144 37.16 7.98 -4.34
C LEU A 144 38.44 8.74 -4.59
N PHE A 145 39.28 8.77 -3.57
CA PHE A 145 40.58 9.46 -3.65
C PHE A 145 41.62 8.52 -3.06
N VAL A 146 42.63 8.16 -3.84
CA VAL A 146 43.69 7.28 -3.33
C VAL A 146 44.55 8.00 -2.32
N LEU A 147 44.44 7.63 -1.05
CA LEU A 147 45.21 8.25 0.01
C LEU A 147 46.66 7.76 0.04
N GLU A 148 46.84 6.52 0.41
CA GLU A 148 48.17 5.98 0.46
C GLU A 148 48.33 4.89 -0.55
N GLY A 149 49.58 4.51 -0.76
CA GLY A 149 49.88 3.38 -1.62
C GLY A 149 49.28 3.47 -2.99
N GLU A 150 49.14 2.31 -3.62
CA GLU A 150 48.69 2.23 -4.99
C GLU A 150 47.53 1.25 -5.04
N ILE A 151 46.33 1.77 -5.26
CA ILE A 151 45.15 0.93 -5.33
C ILE A 151 45.03 0.30 -6.70
N HIS A 152 44.53 -0.93 -6.72
CA HIS A 152 44.33 -1.68 -7.95
C HIS A 152 42.83 -1.88 -8.10
N MET A 153 42.19 -0.90 -8.74
CA MET A 153 40.74 -0.92 -8.94
C MET A 153 40.28 -1.82 -10.07
N LYS A 154 39.11 -2.38 -9.88
CA LYS A 154 38.49 -3.25 -10.86
C LYS A 154 37.00 -3.06 -10.73
N TRP A 155 36.35 -2.70 -11.84
CA TRP A 155 34.90 -2.47 -11.84
C TRP A 155 34.24 -3.14 -13.03
N GLY A 156 32.92 -3.29 -12.96
CA GLY A 156 32.18 -3.91 -14.03
C GLY A 156 31.70 -5.31 -13.73
N ASP A 157 31.85 -6.21 -14.70
CA ASP A 157 31.42 -7.60 -14.54
C ASP A 157 32.49 -8.40 -13.81
N LYS A 158 32.06 -9.08 -12.75
CA LYS A 158 32.97 -9.79 -11.86
C LYS A 158 33.71 -10.86 -12.65
N GLU A 159 33.10 -11.30 -13.75
CA GLU A 159 33.68 -12.34 -14.62
C GLU A 159 34.82 -11.75 -15.46
N ASN A 160 34.58 -10.58 -16.03
CA ASN A 160 35.59 -9.90 -16.84
C ASN A 160 35.22 -8.45 -16.61
N PRO A 161 35.87 -7.81 -15.63
CA PRO A 161 35.77 -6.38 -15.39
C PRO A 161 36.93 -5.63 -16.01
N LYS A 162 36.75 -4.32 -16.16
CA LYS A 162 37.79 -3.40 -16.60
C LYS A 162 38.65 -3.09 -15.37
N GLU A 163 39.84 -2.52 -15.59
CA GLU A 163 40.65 -2.15 -14.43
C GLU A 163 41.77 -1.16 -14.70
N ALA A 164 42.25 -0.55 -13.62
CA ALA A 164 43.34 0.40 -13.70
C ALA A 164 44.00 0.54 -12.34
N LEU A 165 45.33 0.45 -12.29
CA LEU A 165 46.06 0.61 -11.04
C LEU A 165 46.23 2.11 -10.90
N LEU A 166 45.73 2.63 -9.79
CA LEU A 166 45.75 4.06 -9.52
C LEU A 166 46.79 4.51 -8.52
N PRO A 167 47.69 5.40 -8.96
CA PRO A 167 48.73 5.91 -8.09
C PRO A 167 48.15 6.82 -7.02
N THR A 168 48.90 7.02 -5.96
CA THR A 168 48.43 7.90 -4.92
C THR A 168 48.10 9.21 -5.62
N GLY A 169 47.01 9.84 -5.22
CA GLY A 169 46.62 11.11 -5.80
C GLY A 169 45.47 10.96 -6.79
N ALA A 170 45.25 9.75 -7.27
CA ALA A 170 44.19 9.49 -8.21
C ALA A 170 42.82 9.64 -7.56
N SER A 171 41.88 10.18 -8.32
CA SER A 171 40.51 10.37 -7.86
C SER A 171 39.58 9.70 -8.86
N MET A 172 38.61 8.95 -8.35
CA MET A 172 37.67 8.25 -9.23
C MET A 172 36.22 8.37 -8.80
N PHE A 173 35.32 8.34 -9.78
CA PHE A 173 33.88 8.40 -9.54
C PHE A 173 33.29 7.08 -9.96
N VAL A 174 32.40 6.54 -9.12
CA VAL A 174 31.76 5.26 -9.41
C VAL A 174 30.25 5.44 -9.33
N GLU A 175 29.60 5.43 -10.48
CA GLU A 175 28.14 5.60 -10.56
C GLU A 175 27.41 4.61 -9.65
N GLU A 176 26.22 4.98 -9.20
CA GLU A 176 25.45 4.13 -8.30
C GLU A 176 25.17 2.78 -8.97
N HIS A 177 25.11 1.74 -8.15
CA HIS A 177 24.76 0.37 -8.60
C HIS A 177 25.78 -0.40 -9.42
N VAL A 178 26.93 0.23 -9.70
CA VAL A 178 27.97 -0.44 -10.47
C VAL A 178 28.88 -1.22 -9.50
N PRO A 179 29.20 -2.48 -9.81
CA PRO A 179 30.07 -3.32 -8.97
C PRO A 179 31.53 -2.94 -9.04
N HIS A 180 32.22 -3.03 -7.91
CA HIS A 180 33.63 -2.66 -7.82
C HIS A 180 34.35 -3.38 -6.69
N ALA A 181 35.68 -3.37 -6.73
CA ALA A 181 36.52 -4.00 -5.71
C ALA A 181 37.93 -3.45 -5.85
N PHE A 182 38.65 -3.42 -4.73
CA PHE A 182 40.01 -2.91 -4.75
C PHE A 182 40.93 -3.80 -3.92
N THR A 183 42.22 -3.52 -4.03
CA THR A 183 43.29 -4.19 -3.29
C THR A 183 44.48 -3.36 -3.70
N ALA A 184 45.63 -3.59 -3.06
CA ALA A 184 46.81 -2.83 -3.40
C ALA A 184 47.41 -3.45 -4.64
N ALA A 185 48.40 -2.77 -5.21
CA ALA A 185 49.11 -3.26 -6.38
C ALA A 185 49.83 -4.49 -5.92
N LYS A 186 50.03 -5.45 -6.82
CA LYS A 186 50.55 -6.71 -6.36
C LYS A 186 51.89 -6.48 -5.69
N GLY A 187 52.02 -7.01 -4.48
CA GLY A 187 53.28 -7.03 -3.75
C GLY A 187 53.51 -5.80 -2.90
N THR A 188 52.76 -4.73 -3.19
CA THR A 188 52.90 -3.49 -2.45
C THR A 188 52.47 -3.53 -0.99
N GLY A 189 51.72 -4.58 -0.64
CA GLY A 189 51.23 -4.76 0.70
C GLY A 189 49.86 -4.21 1.01
N SER A 190 49.77 -2.89 1.13
CA SER A 190 48.54 -2.24 1.58
C SER A 190 48.41 -0.86 0.95
N ALA A 191 47.18 -0.34 0.97
CA ALA A 191 46.90 0.97 0.40
C ALA A 191 45.75 1.60 1.16
N LYS A 192 45.53 2.89 0.93
CA LYS A 192 44.47 3.61 1.59
C LYS A 192 43.73 4.57 0.67
N LEU A 193 42.41 4.63 0.77
CA LEU A 193 41.70 5.62 -0.01
C LEU A 193 40.51 6.19 0.72
N ILE A 194 40.08 7.37 0.30
CA ILE A 194 38.92 7.98 0.90
C ILE A 194 37.74 7.62 0.03
N ALA A 195 36.67 7.21 0.67
CA ALA A 195 35.46 6.82 -0.03
C ALA A 195 34.30 7.69 0.42
N VAL A 196 33.70 8.40 -0.51
CA VAL A 196 32.57 9.24 -0.19
C VAL A 196 31.33 8.78 -0.94
N ASN A 197 30.33 8.30 -0.20
CA ASN A 197 29.07 7.85 -0.78
C ASN A 197 28.10 9.00 -0.55
N PHE A 198 27.46 9.47 -1.61
CA PHE A 198 26.50 10.57 -1.48
C PHE A 198 25.21 10.35 -2.27
N THR B 6 4.22 -7.23 4.93
CA THR B 6 5.39 -6.66 4.21
C THR B 6 5.77 -5.28 4.75
N ALA B 7 4.95 -4.72 5.61
CA ALA B 7 5.28 -3.42 6.19
C ALA B 7 6.57 -3.69 6.95
N SER B 8 6.77 -4.95 7.32
CA SER B 8 7.96 -5.36 8.04
C SER B 8 9.00 -5.82 7.03
N THR B 9 8.58 -6.64 6.06
CA THR B 9 9.48 -7.13 5.03
C THR B 9 10.27 -5.98 4.41
N GLY B 10 9.55 -4.89 4.11
CA GLY B 10 10.21 -3.75 3.51
C GLY B 10 11.21 -3.21 4.52
N PHE B 11 10.73 -3.04 5.75
CA PHE B 11 11.58 -2.53 6.82
C PHE B 11 12.82 -3.38 6.98
N ALA B 12 12.64 -4.68 6.83
CA ALA B 12 13.72 -5.63 6.97
C ALA B 12 14.83 -5.40 5.97
N GLU B 13 14.50 -5.36 4.68
CA GLU B 13 15.54 -5.16 3.67
C GLU B 13 16.12 -3.76 3.71
N LEU B 14 15.36 -2.80 4.23
CA LEU B 14 15.83 -1.44 4.30
C LEU B 14 16.76 -1.22 5.48
N LEU B 15 16.46 -1.88 6.59
CA LEU B 15 17.30 -1.79 7.78
C LEU B 15 18.62 -2.41 7.36
N LYS B 16 18.53 -3.55 6.68
CA LYS B 16 19.72 -4.24 6.22
C LYS B 16 20.47 -3.24 5.34
N ASP B 17 19.81 -2.75 4.31
CA ASP B 17 20.43 -1.79 3.41
C ASP B 17 21.21 -0.72 4.16
N ARG B 18 20.53 0.04 5.00
CA ARG B 18 21.15 1.13 5.75
C ARG B 18 22.26 0.67 6.68
N ARG B 19 22.04 -0.44 7.38
CA ARG B 19 23.06 -0.95 8.29
C ARG B 19 24.37 -1.09 7.52
N GLU B 20 24.32 -1.81 6.41
CA GLU B 20 25.51 -2.00 5.60
C GLU B 20 26.01 -0.66 5.05
N GLN B 21 25.09 0.16 4.57
CA GLN B 21 25.44 1.47 4.01
C GLN B 21 26.33 2.26 4.98
N VAL B 22 25.95 2.26 6.24
CA VAL B 22 26.68 3.00 7.27
C VAL B 22 27.87 2.23 7.86
N LYS B 23 28.24 1.12 7.24
CA LYS B 23 29.32 0.28 7.74
C LYS B 23 29.29 -0.28 9.16
N MET B 24 28.24 -1.06 9.43
CA MET B 24 27.95 -1.55 10.77
C MET B 24 27.63 -3.04 10.69
N ASP B 25 27.44 -3.66 11.86
CA ASP B 25 27.10 -5.07 11.93
C ASP B 25 26.07 -5.20 13.05
N HIS B 26 25.34 -6.31 13.06
CA HIS B 26 24.32 -6.52 14.08
C HIS B 26 24.89 -6.17 15.45
N ALA B 27 26.07 -6.73 15.71
CA ALA B 27 26.78 -6.52 16.97
C ALA B 27 26.93 -5.05 17.36
N ALA B 28 27.40 -4.24 16.42
CA ALA B 28 27.61 -2.82 16.67
C ALA B 28 26.32 -2.03 16.79
N LEU B 29 25.36 -2.31 15.92
CA LEU B 29 24.07 -1.61 15.92
C LEU B 29 23.25 -1.85 17.17
N ALA B 30 23.16 -3.12 17.58
CA ALA B 30 22.40 -3.47 18.76
C ALA B 30 22.90 -2.66 19.96
N SER B 31 24.19 -2.39 19.95
CA SER B 31 24.85 -1.64 21.02
C SER B 31 24.30 -0.24 21.23
N LEU B 32 24.34 0.60 20.21
CA LEU B 32 23.85 1.96 20.34
C LEU B 32 22.37 1.99 20.70
N LEU B 33 21.66 0.92 20.38
CA LEU B 33 20.22 0.85 20.68
C LEU B 33 19.96 0.22 22.04
N GLY B 34 20.93 -0.53 22.53
CA GLY B 34 20.77 -1.19 23.82
C GLY B 34 19.87 -2.40 23.66
N GLU B 35 20.16 -3.18 22.62
CA GLU B 35 19.38 -4.38 22.33
C GLU B 35 20.31 -5.57 22.12
N THR B 36 19.72 -6.75 21.97
CA THR B 36 20.47 -7.97 21.77
C THR B 36 20.99 -8.09 20.35
N PRO B 37 22.29 -8.38 20.19
CA PRO B 37 22.79 -8.49 18.82
C PRO B 37 21.87 -9.43 18.06
N GLU B 38 21.32 -10.40 18.78
CA GLU B 38 20.37 -11.34 18.21
C GLU B 38 19.08 -10.68 17.77
N THR B 39 18.59 -9.78 18.61
CA THR B 39 17.38 -9.01 18.31
C THR B 39 17.33 -8.27 16.98
N VAL B 40 18.34 -7.46 16.70
CA VAL B 40 18.54 -6.84 15.40
C VAL B 40 18.40 -7.85 14.28
N ALA B 41 19.14 -8.95 14.36
CA ALA B 41 19.10 -9.97 13.33
C ALA B 41 17.66 -10.33 13.00
N ALA B 42 16.83 -10.46 14.03
CA ALA B 42 15.42 -10.81 13.87
C ALA B 42 14.71 -9.74 13.06
N TRP B 43 14.91 -8.48 13.46
CA TRP B 43 14.33 -7.36 12.77
C TRP B 43 14.66 -7.48 11.30
N GLU B 44 15.94 -7.68 11.01
CA GLU B 44 16.41 -7.82 9.64
C GLU B 44 15.82 -9.01 8.93
N ASN B 45 15.09 -9.84 9.67
CA ASN B 45 14.48 -11.00 9.04
C ASN B 45 12.95 -10.96 8.97
N GLY B 46 12.34 -9.84 9.37
CA GLY B 46 10.90 -9.72 9.30
C GLY B 46 10.17 -9.61 10.63
N GLU B 47 10.86 -9.92 11.71
CA GLU B 47 10.23 -9.86 13.02
C GLU B 47 10.08 -8.45 13.60
N GLY B 48 10.19 -7.42 12.75
CA GLY B 48 10.05 -6.06 13.23
C GLY B 48 8.63 -5.54 13.43
N GLY B 49 7.66 -6.31 12.95
CA GLY B 49 6.27 -5.94 13.03
C GLY B 49 5.72 -5.25 14.26
N GLU B 50 6.14 -5.67 15.45
CA GLU B 50 5.67 -5.05 16.69
C GLU B 50 6.48 -3.87 17.25
N LEU B 51 7.39 -3.34 16.45
CA LEU B 51 8.19 -2.22 16.92
C LEU B 51 7.34 -0.97 17.03
N THR B 52 7.39 -0.32 18.19
CA THR B 52 6.59 0.89 18.38
C THR B 52 7.15 2.04 17.55
N LEU B 53 6.36 3.09 17.44
CA LEU B 53 6.74 4.28 16.67
C LEU B 53 8.00 4.85 17.30
N THR B 54 7.93 5.18 18.58
CA THR B 54 9.06 5.73 19.31
C THR B 54 10.28 4.85 19.08
N GLN B 55 10.09 3.55 19.16
CA GLN B 55 11.19 2.62 18.97
C GLN B 55 11.80 2.80 17.58
N LEU B 56 10.96 3.04 16.58
CA LEU B 56 11.44 3.25 15.23
C LEU B 56 12.22 4.55 15.21
N GLY B 57 11.79 5.51 16.03
CA GLY B 57 12.47 6.79 16.08
C GLY B 57 13.94 6.72 16.49
N ARG B 58 14.24 5.96 17.54
CA ARG B 58 15.62 5.84 17.99
C ARG B 58 16.47 5.07 16.99
N ILE B 59 15.90 4.04 16.38
CA ILE B 59 16.63 3.25 15.40
C ILE B 59 17.09 4.09 14.22
N ALA B 60 16.14 4.77 13.58
CA ALA B 60 16.46 5.60 12.43
C ALA B 60 17.46 6.70 12.82
N HIS B 61 17.41 7.08 14.09
CA HIS B 61 18.30 8.10 14.62
C HIS B 61 19.72 7.55 14.69
N VAL B 62 19.87 6.39 15.32
CA VAL B 62 21.16 5.74 15.45
C VAL B 62 21.79 5.56 14.08
N LEU B 63 20.95 5.35 13.06
CA LEU B 63 21.45 5.19 11.71
C LEU B 63 21.40 6.55 11.04
N GLY B 64 21.40 7.59 11.85
CA GLY B 64 21.36 8.94 11.33
C GLY B 64 20.56 9.09 10.06
N THR B 65 19.33 8.61 10.07
CA THR B 65 18.47 8.70 8.92
C THR B 65 17.05 8.91 9.45
N SER B 66 16.05 8.80 8.57
CA SER B 66 14.66 9.00 8.98
C SER B 66 13.84 7.72 8.86
N ILE B 67 12.76 7.64 9.63
CA ILE B 67 11.89 6.48 9.60
C ILE B 67 11.42 6.27 8.17
N GLY B 68 11.13 7.37 7.48
CA GLY B 68 10.70 7.25 6.11
C GLY B 68 11.69 6.41 5.31
N ALA B 69 12.97 6.76 5.41
CA ALA B 69 14.03 6.05 4.69
C ALA B 69 14.12 4.57 5.02
N LEU B 70 13.57 4.19 6.18
CA LEU B 70 13.61 2.80 6.61
C LEU B 70 12.33 2.01 6.37
N THR B 71 11.23 2.71 6.10
CA THR B 71 9.98 2.02 5.82
C THR B 71 9.83 2.00 4.30
N PRO B 72 9.06 1.04 3.77
CA PRO B 72 8.84 0.91 2.33
C PRO B 72 7.88 1.95 1.76
N PRO B 73 7.84 2.09 0.43
CA PRO B 73 6.98 3.03 -0.26
C PRO B 73 5.54 2.55 -0.19
N ALA B 74 4.60 3.44 -0.51
CA ALA B 74 3.19 3.07 -0.50
C ALA B 74 3.11 1.96 -1.54
N GLY B 75 2.32 0.94 -1.29
CA GLY B 75 2.26 -0.13 -2.27
C GLY B 75 1.81 0.35 -3.64
N ASN B 76 1.66 -0.58 -4.58
CA ASN B 76 1.19 -0.23 -5.90
C ASN B 76 -0.20 -0.85 -6.01
N ASP B 77 -1.21 0.00 -6.16
CA ASP B 77 -2.59 -0.47 -6.23
C ASP B 77 -3.25 -0.39 -7.60
N LEU B 78 -2.44 -0.38 -8.66
CA LEU B 78 -2.97 -0.26 -10.01
C LEU B 78 -3.27 -1.56 -10.76
N ASP B 79 -4.19 -1.48 -11.71
CA ASP B 79 -4.57 -2.62 -12.54
C ASP B 79 -3.92 -2.39 -13.90
N ASP B 80 -2.65 -2.77 -14.00
CA ASP B 80 -1.89 -2.57 -15.21
C ASP B 80 -1.75 -1.08 -15.45
N GLY B 81 -1.26 -0.40 -14.41
CA GLY B 81 -1.03 1.04 -14.44
C GLY B 81 -2.28 1.87 -14.47
N VAL B 82 -3.35 1.39 -13.85
CA VAL B 82 -4.60 2.12 -13.89
C VAL B 82 -5.55 1.83 -12.74
N ILE B 83 -6.55 2.69 -12.58
CA ILE B 83 -7.56 2.52 -11.55
C ILE B 83 -8.77 3.40 -11.83
N ILE B 84 -9.96 2.84 -11.65
CA ILE B 84 -11.20 3.57 -11.90
C ILE B 84 -11.99 3.67 -10.61
N GLN B 85 -12.90 4.65 -10.57
CA GLN B 85 -13.80 4.88 -9.46
C GLN B 85 -15.17 5.20 -10.05
N MET B 86 -16.18 4.47 -9.61
CA MET B 86 -17.54 4.68 -10.10
C MET B 86 -18.25 5.74 -9.25
N PRO B 87 -19.11 6.53 -9.88
CA PRO B 87 -19.86 7.60 -9.22
C PRO B 87 -20.64 7.36 -7.92
N ASP B 88 -21.20 6.19 -7.76
CA ASP B 88 -21.85 5.83 -6.49
C ASP B 88 -20.92 5.19 -5.50
N GLU B 89 -19.63 5.45 -5.66
CA GLU B 89 -18.61 4.76 -4.91
C GLU B 89 -17.75 5.76 -4.16
N ARG B 90 -17.99 7.03 -4.42
CA ARG B 90 -17.25 8.13 -3.81
C ARG B 90 -17.48 8.39 -2.33
N PRO B 91 -16.40 8.69 -1.61
CA PRO B 91 -16.62 8.98 -0.19
C PRO B 91 -17.21 10.41 -0.11
N ILE B 92 -18.17 10.62 0.79
CA ILE B 92 -18.81 11.93 0.93
C ILE B 92 -18.49 12.56 2.30
N LEU B 93 -18.05 13.81 2.30
CA LEU B 93 -17.75 14.49 3.56
C LEU B 93 -18.38 15.88 3.58
N LYS B 94 -19.35 16.09 4.44
CA LYS B 94 -19.97 17.39 4.48
C LYS B 94 -19.12 18.27 5.36
N GLY B 95 -18.70 19.37 4.78
CA GLY B 95 -17.85 20.33 5.46
C GLY B 95 -18.58 21.32 6.34
N VAL B 96 -17.87 21.80 7.37
CA VAL B 96 -18.42 22.76 8.31
C VAL B 96 -17.40 23.80 8.77
N ARG B 97 -17.67 25.05 8.42
CA ARG B 97 -16.82 26.16 8.82
C ARG B 97 -17.76 27.13 9.53
N ASP B 98 -17.48 27.37 10.82
CA ASP B 98 -18.31 28.26 11.65
C ASP B 98 -19.73 27.71 11.76
N ASN B 99 -19.85 26.38 11.82
CA ASN B 99 -21.13 25.70 11.94
C ASN B 99 -22.05 25.96 10.74
N VAL B 100 -21.47 26.02 9.55
CA VAL B 100 -22.23 26.37 8.34
C VAL B 100 -22.11 25.29 7.27
N ASP B 101 -23.22 24.94 6.64
CA ASP B 101 -23.19 23.88 5.65
C ASP B 101 -22.53 24.61 4.50
N TYR B 102 -21.22 24.79 4.65
CA TYR B 102 -20.39 25.35 3.60
C TYR B 102 -20.09 24.61 2.29
N TYR B 103 -19.29 23.55 2.39
CA TYR B 103 -19.07 22.64 1.27
C TYR B 103 -19.56 21.22 1.52
N VAL B 104 -19.32 20.38 0.52
CA VAL B 104 -19.65 18.95 0.52
C VAL B 104 -18.58 18.35 -0.37
N TYR B 105 -17.81 17.42 0.16
CA TYR B 105 -16.73 16.82 -0.61
C TYR B 105 -16.97 15.44 -1.16
N ASN B 106 -17.10 15.37 -2.48
CA ASN B 106 -17.30 14.11 -3.16
C ASN B 106 -15.93 13.69 -3.63
N CYS B 107 -15.29 12.80 -2.88
CA CYS B 107 -13.95 12.32 -3.19
C CYS B 107 -13.81 11.36 -4.36
N LEU B 108 -13.00 11.78 -5.34
CA LEU B 108 -12.75 11.00 -6.53
C LEU B 108 -11.59 10.03 -6.34
N VAL B 109 -11.22 9.36 -7.43
CA VAL B 109 -10.15 8.38 -7.44
C VAL B 109 -8.80 8.84 -6.93
N ARG B 110 -8.13 7.99 -6.17
CA ARG B 110 -6.82 8.29 -5.63
C ARG B 110 -5.97 7.04 -5.79
N THR B 111 -4.66 7.19 -5.92
CA THR B 111 -3.78 6.03 -6.06
C THR B 111 -2.56 6.11 -5.17
N LYS B 112 -2.17 4.97 -4.60
CA LYS B 112 -0.99 4.92 -3.75
C LYS B 112 0.27 5.30 -4.52
N ARG B 113 0.17 5.26 -5.86
CA ARG B 113 1.30 5.61 -6.72
C ARG B 113 1.39 7.12 -6.90
N ALA B 114 0.44 7.85 -6.32
CA ALA B 114 0.39 9.31 -6.41
C ALA B 114 -0.25 9.88 -5.14
N PRO B 115 0.41 9.66 -4.01
CA PRO B 115 -0.08 10.13 -2.71
C PRO B 115 -0.64 11.54 -2.75
N SER B 116 -0.02 12.39 -3.55
CA SER B 116 -0.45 13.78 -3.58
C SER B 116 -1.65 14.14 -4.43
N LEU B 117 -2.09 13.21 -5.27
CA LEU B 117 -3.23 13.46 -6.14
C LEU B 117 -4.53 13.30 -5.37
N VAL B 118 -5.21 14.39 -5.08
CA VAL B 118 -6.47 14.32 -4.35
C VAL B 118 -7.53 15.11 -5.13
N PRO B 119 -8.28 14.41 -6.02
CA PRO B 119 -9.36 14.90 -6.88
C PRO B 119 -10.70 14.99 -6.18
N LEU B 120 -11.35 16.14 -6.27
CA LEU B 120 -12.62 16.30 -5.61
C LEU B 120 -13.68 17.02 -6.39
N VAL B 121 -14.93 16.64 -6.16
CA VAL B 121 -16.04 17.35 -6.77
C VAL B 121 -16.57 18.08 -5.54
N VAL B 122 -16.57 19.40 -5.56
CA VAL B 122 -17.07 20.13 -4.41
C VAL B 122 -18.39 20.83 -4.69
N ASP B 123 -19.36 20.60 -3.82
CA ASP B 123 -20.65 21.26 -3.98
C ASP B 123 -20.57 22.44 -3.04
N VAL B 124 -20.64 23.64 -3.61
CA VAL B 124 -20.59 24.84 -2.81
C VAL B 124 -22.01 25.17 -2.43
N LEU B 125 -22.28 25.12 -1.12
CA LEU B 125 -23.63 25.34 -0.60
C LEU B 125 -23.98 26.76 -0.21
N THR B 126 -22.99 27.59 0.07
CA THR B 126 -23.26 28.97 0.45
C THR B 126 -23.22 29.90 -0.75
N ASP B 127 -24.03 30.96 -0.71
CA ASP B 127 -24.03 31.91 -1.82
C ASP B 127 -23.87 33.33 -1.32
N ASN B 128 -23.33 33.46 -0.11
CA ASN B 128 -23.09 34.76 0.49
C ASN B 128 -21.59 34.96 0.60
N PRO B 129 -21.00 35.67 -0.36
CA PRO B 129 -19.55 35.90 -0.32
C PRO B 129 -19.13 36.40 1.04
N ASP B 130 -19.81 37.46 1.52
CA ASP B 130 -19.51 38.05 2.81
C ASP B 130 -19.38 37.12 4.01
N ASP B 131 -20.04 35.97 3.93
CA ASP B 131 -19.99 34.98 5.00
C ASP B 131 -18.90 33.92 4.80
N ALA B 132 -18.11 34.08 3.74
CA ALA B 132 -17.12 33.08 3.37
C ALA B 132 -16.01 32.88 4.42
N LYS B 133 -15.58 31.63 4.61
CA LYS B 133 -14.52 31.34 5.59
C LYS B 133 -13.23 30.89 4.93
N PHE B 134 -12.18 31.56 5.34
CA PHE B 134 -10.85 31.41 4.76
C PHE B 134 -10.00 30.31 5.36
N ASN B 135 -9.70 29.30 4.57
CA ASN B 135 -8.83 28.25 5.05
C ASN B 135 -7.53 29.05 5.23
N SER B 136 -6.49 28.42 5.76
CA SER B 136 -5.22 29.13 5.96
C SER B 136 -4.27 28.89 4.79
N GLY B 137 -4.81 28.44 3.67
CA GLY B 137 -3.97 27.99 2.57
C GLY B 137 -3.58 26.55 2.87
N HIS B 138 -3.06 25.83 1.87
CA HIS B 138 -2.65 24.44 2.07
C HIS B 138 -1.54 24.01 1.12
N ALA B 139 -0.83 22.95 1.51
CA ALA B 139 0.30 22.45 0.73
C ALA B 139 -0.13 21.80 -0.57
N GLY B 140 0.73 21.90 -1.58
CA GLY B 140 0.42 21.33 -2.87
C GLY B 140 -0.47 22.21 -3.73
N ASN B 141 -0.12 22.34 -5.00
CA ASN B 141 -0.91 23.16 -5.91
C ASN B 141 -2.24 22.49 -6.22
N GLU B 142 -3.27 23.28 -6.46
CA GLU B 142 -4.61 22.76 -6.73
C GLU B 142 -5.22 23.38 -7.98
N PHE B 143 -5.67 22.53 -8.89
CA PHE B 143 -6.32 22.97 -10.12
C PHE B 143 -7.83 22.87 -9.91
N LEU B 144 -8.55 23.92 -10.25
CA LEU B 144 -9.99 23.95 -10.11
C LEU B 144 -10.68 24.13 -11.45
N PHE B 145 -11.93 23.68 -11.55
CA PHE B 145 -12.72 23.81 -12.78
C PHE B 145 -14.14 24.06 -12.32
N VAL B 146 -14.77 25.12 -12.81
CA VAL B 146 -16.14 25.40 -12.39
C VAL B 146 -17.10 24.46 -13.10
N LEU B 147 -17.57 23.43 -12.40
CA LEU B 147 -18.49 22.46 -12.99
C LEU B 147 -19.84 23.05 -13.41
N GLU B 148 -20.43 23.81 -12.51
CA GLU B 148 -21.69 24.45 -12.79
C GLU B 148 -21.83 25.69 -11.93
N GLY B 149 -22.66 26.63 -12.39
CA GLY B 149 -23.00 27.77 -11.59
C GLY B 149 -21.88 28.77 -11.70
N GLU B 150 -21.89 29.79 -10.85
CA GLU B 150 -20.85 30.81 -10.85
C GLU B 150 -20.16 30.79 -9.50
N ILE B 151 -18.88 30.51 -9.52
CA ILE B 151 -18.10 30.45 -8.30
C ILE B 151 -17.56 31.82 -7.94
N HIS B 152 -17.98 32.36 -6.79
CA HIS B 152 -17.47 33.63 -6.34
C HIS B 152 -16.23 33.25 -5.54
N MET B 153 -15.08 33.63 -6.05
CA MET B 153 -13.82 33.28 -5.40
C MET B 153 -13.14 34.42 -4.64
N LYS B 154 -12.21 34.03 -3.78
CA LYS B 154 -11.47 35.00 -2.99
C LYS B 154 -10.13 34.36 -2.61
N TRP B 155 -9.04 35.14 -2.72
CA TRP B 155 -7.72 34.65 -2.37
C TRP B 155 -6.81 35.80 -1.93
N GLY B 156 -5.73 35.47 -1.22
CA GLY B 156 -4.81 36.49 -0.73
C GLY B 156 -4.96 36.69 0.77
N ASP B 157 -5.03 37.94 1.23
CA ASP B 157 -5.18 38.19 2.65
C ASP B 157 -6.65 38.21 3.07
N LYS B 158 -6.95 37.55 4.18
CA LYS B 158 -8.31 37.46 4.70
C LYS B 158 -9.05 38.80 4.85
N GLU B 159 -8.34 39.86 5.25
CA GLU B 159 -8.94 41.18 5.43
C GLU B 159 -9.16 41.90 4.09
N ASN B 160 -8.08 42.08 3.34
CA ASN B 160 -8.17 42.71 2.01
C ASN B 160 -7.73 41.69 0.98
N PRO B 161 -8.66 40.84 0.54
CA PRO B 161 -8.39 39.79 -0.44
C PRO B 161 -8.69 40.15 -1.88
N LYS B 162 -8.19 39.32 -2.79
CA LYS B 162 -8.44 39.47 -4.22
C LYS B 162 -9.75 38.72 -4.46
N GLU B 163 -10.55 39.21 -5.41
CA GLU B 163 -11.82 38.57 -5.72
C GLU B 163 -11.83 38.21 -7.20
N ALA B 164 -12.61 37.19 -7.53
CA ALA B 164 -12.73 36.77 -8.93
C ALA B 164 -14.05 36.06 -9.06
N LEU B 165 -14.79 36.39 -10.11
CA LEU B 165 -16.06 35.74 -10.35
C LEU B 165 -15.85 34.77 -11.51
N LEU B 166 -15.94 33.49 -11.20
CA LEU B 166 -15.72 32.47 -12.21
C LEU B 166 -17.01 31.86 -12.73
N PRO B 167 -17.26 31.99 -14.04
CA PRO B 167 -18.47 31.43 -14.65
C PRO B 167 -18.22 29.95 -14.91
N THR B 168 -19.29 29.21 -15.14
CA THR B 168 -19.16 27.79 -15.40
C THR B 168 -18.16 27.61 -16.52
N GLY B 169 -17.22 26.69 -16.35
CA GLY B 169 -16.23 26.44 -17.37
C GLY B 169 -14.90 27.12 -17.08
N ALA B 170 -14.91 28.06 -16.15
CA ALA B 170 -13.69 28.74 -15.81
C ALA B 170 -12.76 27.68 -15.27
N SER B 171 -11.47 27.86 -15.49
CA SER B 171 -10.48 26.92 -14.98
C SER B 171 -9.46 27.76 -14.25
N MET B 172 -9.00 27.31 -13.11
CA MET B 172 -8.05 28.09 -12.34
C MET B 172 -6.99 27.27 -11.65
N PHE B 173 -5.88 27.90 -11.32
CA PHE B 173 -4.79 27.24 -10.61
C PHE B 173 -4.43 28.06 -9.38
N VAL B 174 -4.29 27.40 -8.25
CA VAL B 174 -3.94 28.05 -7.00
C VAL B 174 -2.65 27.43 -6.49
N GLU B 175 -1.64 28.25 -6.27
CA GLU B 175 -0.37 27.72 -5.80
C GLU B 175 -0.46 27.23 -4.35
N GLU B 176 0.49 26.37 -3.98
CA GLU B 176 0.48 25.78 -2.66
C GLU B 176 0.70 26.85 -1.62
N HIS B 177 0.01 26.73 -0.49
CA HIS B 177 0.19 27.69 0.60
C HIS B 177 -0.66 28.96 0.46
N VAL B 178 -1.27 29.17 -0.71
CA VAL B 178 -2.05 30.38 -0.93
C VAL B 178 -3.43 30.16 -0.30
N PRO B 179 -3.86 31.05 0.60
CA PRO B 179 -5.17 30.94 1.26
C PRO B 179 -6.30 31.28 0.30
N HIS B 180 -7.48 30.71 0.50
CA HIS B 180 -8.58 31.01 -0.41
C HIS B 180 -9.96 30.57 0.08
N ALA B 181 -11.01 31.03 -0.59
CA ALA B 181 -12.35 30.66 -0.19
C ALA B 181 -13.29 30.78 -1.35
N PHE B 182 -14.40 30.04 -1.28
CA PHE B 182 -15.38 30.03 -2.36
C PHE B 182 -16.81 30.11 -1.84
N THR B 183 -17.71 30.36 -2.78
CA THR B 183 -19.16 30.40 -2.55
C THR B 183 -19.70 30.53 -3.94
N ALA B 184 -21.01 30.46 -4.08
CA ALA B 184 -21.59 30.63 -5.38
C ALA B 184 -21.82 32.12 -5.37
N ALA B 185 -21.68 32.77 -6.52
CA ALA B 185 -21.90 34.20 -6.60
C ALA B 185 -23.18 34.58 -5.84
N LYS B 186 -23.22 35.78 -5.27
CA LYS B 186 -24.30 36.11 -4.37
C LYS B 186 -25.64 35.96 -5.07
N GLY B 187 -26.57 35.32 -4.36
CA GLY B 187 -27.90 35.05 -4.87
C GLY B 187 -28.15 33.87 -5.80
N THR B 188 -27.09 33.40 -6.45
CA THR B 188 -27.17 32.28 -7.39
C THR B 188 -27.51 30.95 -6.71
N GLY B 189 -27.55 30.93 -5.38
CA GLY B 189 -27.90 29.71 -4.66
C GLY B 189 -26.80 28.69 -4.40
N SER B 190 -26.30 28.05 -5.46
CA SER B 190 -25.25 27.05 -5.30
C SER B 190 -24.41 26.89 -6.55
N ALA B 191 -23.17 26.46 -6.35
CA ALA B 191 -22.25 26.24 -7.45
C ALA B 191 -21.59 24.89 -7.24
N LYS B 192 -20.92 24.40 -8.28
CA LYS B 192 -20.18 23.16 -8.19
C LYS B 192 -18.86 23.31 -8.93
N LEU B 193 -17.83 22.62 -8.46
CA LEU B 193 -16.55 22.64 -9.15
C LEU B 193 -15.62 21.47 -8.88
N ILE B 194 -14.75 21.20 -9.84
CA ILE B 194 -13.75 20.14 -9.73
C ILE B 194 -12.51 20.76 -9.11
N ALA B 195 -12.03 20.16 -8.04
CA ALA B 195 -10.84 20.66 -7.37
C ALA B 195 -9.79 19.55 -7.32
N VAL B 196 -8.72 19.73 -8.08
CA VAL B 196 -7.68 18.71 -8.07
C VAL B 196 -6.40 19.13 -7.36
N ASN B 197 -6.14 18.54 -6.19
CA ASN B 197 -4.92 18.84 -5.44
C ASN B 197 -3.83 17.91 -5.94
N PHE B 198 -2.64 18.43 -6.18
CA PHE B 198 -1.55 17.57 -6.65
C PHE B 198 -0.15 18.01 -6.21
N THR C 6 -1.58 -23.05 -12.84
CA THR C 6 -2.31 -22.40 -13.95
C THR C 6 -3.35 -23.34 -14.55
N ALA C 7 -4.24 -22.82 -15.38
CA ALA C 7 -5.27 -23.63 -15.98
C ALA C 7 -4.69 -24.61 -16.99
N SER C 8 -3.99 -24.06 -17.98
CA SER C 8 -3.39 -24.88 -19.04
C SER C 8 -2.46 -25.99 -18.54
N THR C 9 -1.79 -25.76 -17.42
CA THR C 9 -0.88 -26.75 -16.85
C THR C 9 -1.67 -27.86 -16.14
N GLY C 10 -2.67 -27.47 -15.35
CA GLY C 10 -3.48 -28.46 -14.66
C GLY C 10 -4.25 -29.22 -15.71
N PHE C 11 -4.54 -28.52 -16.81
CA PHE C 11 -5.27 -29.09 -17.92
C PHE C 11 -4.44 -30.18 -18.56
N ALA C 12 -3.16 -29.92 -18.77
CA ALA C 12 -2.29 -30.90 -19.38
C ALA C 12 -2.17 -32.15 -18.49
N GLU C 13 -1.97 -31.96 -17.19
CA GLU C 13 -1.87 -33.09 -16.28
C GLU C 13 -3.16 -33.89 -16.17
N LEU C 14 -4.29 -33.21 -16.06
CA LEU C 14 -5.60 -33.84 -16.08
C LEU C 14 -5.98 -34.49 -17.41
N LEU C 15 -5.69 -33.84 -18.53
CA LEU C 15 -6.00 -34.41 -19.83
C LEU C 15 -5.29 -35.76 -19.95
N LYS C 16 -3.96 -35.74 -19.78
CA LYS C 16 -3.18 -36.96 -19.86
C LYS C 16 -3.79 -38.00 -18.94
N ASP C 17 -4.15 -37.57 -17.75
CA ASP C 17 -4.73 -38.50 -16.79
C ASP C 17 -5.96 -39.19 -17.38
N ARG C 18 -6.95 -38.40 -17.79
CA ARG C 18 -8.16 -38.96 -18.35
C ARG C 18 -7.87 -39.85 -19.55
N ARG C 19 -7.08 -39.37 -20.49
CA ARG C 19 -6.77 -40.17 -21.67
C ARG C 19 -6.33 -41.59 -21.26
N GLU C 20 -5.25 -41.68 -20.47
CA GLU C 20 -4.78 -42.96 -20.03
C GLU C 20 -5.90 -43.76 -19.34
N GLN C 21 -6.84 -43.06 -18.71
CA GLN C 21 -7.93 -43.73 -18.01
C GLN C 21 -8.82 -44.56 -18.95
N VAL C 22 -8.96 -44.10 -20.19
CA VAL C 22 -9.77 -44.82 -21.16
C VAL C 22 -8.87 -45.52 -22.17
N LYS C 23 -7.68 -45.90 -21.70
CA LYS C 23 -6.69 -46.63 -22.46
C LYS C 23 -6.34 -46.10 -23.84
N MET C 24 -6.38 -44.78 -24.02
CA MET C 24 -6.04 -44.19 -25.32
C MET C 24 -4.63 -43.64 -25.36
N ASP C 25 -4.01 -43.64 -26.53
CA ASP C 25 -2.66 -43.09 -26.68
C ASP C 25 -2.85 -41.85 -27.56
N HIS C 26 -1.87 -40.95 -27.57
CA HIS C 26 -2.03 -39.74 -28.35
C HIS C 26 -2.68 -39.97 -29.70
N ALA C 27 -2.33 -41.16 -30.17
CA ALA C 27 -2.93 -41.60 -31.43
C ALA C 27 -4.42 -41.98 -31.29
N ALA C 28 -4.80 -42.68 -30.23
CA ALA C 28 -6.22 -42.92 -30.03
C ALA C 28 -7.00 -41.62 -29.83
N LEU C 29 -6.45 -40.70 -29.03
CA LEU C 29 -7.09 -39.40 -28.76
C LEU C 29 -7.21 -38.44 -29.95
N ALA C 30 -6.14 -38.37 -30.74
CA ALA C 30 -6.03 -37.44 -31.86
C ALA C 30 -6.98 -37.84 -32.97
N SER C 31 -7.16 -39.14 -33.13
CA SER C 31 -8.04 -39.70 -34.15
C SER C 31 -9.49 -39.33 -33.94
N LEU C 32 -9.98 -39.55 -32.73
CA LEU C 32 -11.35 -39.27 -32.37
C LEU C 32 -11.74 -37.80 -32.45
N LEU C 33 -10.77 -36.92 -32.32
CA LEU C 33 -11.05 -35.50 -32.34
C LEU C 33 -10.89 -34.90 -33.71
N GLY C 34 -10.06 -35.53 -34.51
CA GLY C 34 -9.81 -35.03 -35.84
C GLY C 34 -8.58 -34.14 -35.74
N GLU C 35 -7.71 -34.47 -34.80
CA GLU C 35 -6.48 -33.74 -34.58
C GLU C 35 -5.35 -34.67 -34.98
N THR C 36 -4.11 -34.21 -34.76
CA THR C 36 -2.94 -35.04 -35.07
C THR C 36 -2.33 -35.35 -33.74
N PRO C 37 -1.56 -36.44 -33.67
CA PRO C 37 -0.94 -36.77 -32.38
C PRO C 37 -0.11 -35.63 -31.80
N GLU C 38 0.49 -34.83 -32.66
CA GLU C 38 1.29 -33.71 -32.20
C GLU C 38 0.47 -32.67 -31.43
N THR C 39 -0.67 -32.29 -31.98
CA THR C 39 -1.55 -31.32 -31.34
C THR C 39 -1.80 -31.83 -29.93
N VAL C 40 -2.40 -33.01 -29.85
CA VAL C 40 -2.71 -33.62 -28.57
C VAL C 40 -1.49 -33.57 -27.66
N ALA C 41 -0.36 -34.09 -28.13
CA ALA C 41 0.85 -34.10 -27.32
C ALA C 41 1.15 -32.71 -26.78
N ALA C 42 0.99 -31.70 -27.63
CA ALA C 42 1.24 -30.33 -27.25
C ALA C 42 0.36 -29.97 -26.05
N TRP C 43 -0.94 -30.20 -26.18
CA TRP C 43 -1.86 -29.92 -25.09
C TRP C 43 -1.31 -30.46 -23.76
N GLU C 44 -1.03 -31.76 -23.72
CA GLU C 44 -0.50 -32.37 -22.50
C GLU C 44 0.88 -31.83 -22.16
N ASN C 45 1.38 -30.95 -23.00
CA ASN C 45 2.65 -30.30 -22.74
C ASN C 45 2.48 -28.89 -22.25
N GLY C 46 1.25 -28.49 -22.01
CA GLY C 46 0.98 -27.13 -21.57
C GLY C 46 0.83 -26.12 -22.68
N GLU C 47 0.62 -26.59 -23.90
CA GLU C 47 0.48 -25.68 -25.02
C GLU C 47 -1.00 -25.61 -25.40
N GLY C 48 -1.89 -25.76 -24.41
CA GLY C 48 -3.31 -25.73 -24.71
C GLY C 48 -4.09 -24.48 -24.33
N GLY C 49 -3.40 -23.46 -23.83
CA GLY C 49 -4.05 -22.22 -23.41
C GLY C 49 -5.02 -21.50 -24.34
N GLU C 50 -4.82 -21.64 -25.66
CA GLU C 50 -5.68 -20.99 -26.64
C GLU C 50 -6.94 -21.78 -26.98
N LEU C 51 -7.01 -23.02 -26.49
CA LEU C 51 -8.17 -23.86 -26.75
C LEU C 51 -9.41 -23.10 -26.26
N THR C 52 -10.46 -23.06 -27.09
CA THR C 52 -11.68 -22.37 -26.69
C THR C 52 -12.58 -23.29 -25.86
N LEU C 53 -13.66 -22.72 -25.32
CA LEU C 53 -14.61 -23.45 -24.49
C LEU C 53 -15.35 -24.48 -25.34
N THR C 54 -15.73 -24.07 -26.54
CA THR C 54 -16.43 -24.96 -27.44
C THR C 54 -15.55 -26.17 -27.77
N GLN C 55 -14.25 -25.93 -27.90
CA GLN C 55 -13.28 -26.99 -28.19
C GLN C 55 -13.09 -27.82 -26.93
N LEU C 56 -13.07 -27.16 -25.80
CA LEU C 56 -12.89 -27.85 -24.54
C LEU C 56 -14.06 -28.80 -24.30
N GLY C 57 -15.22 -28.42 -24.80
CA GLY C 57 -16.40 -29.25 -24.63
C GLY C 57 -16.34 -30.50 -25.50
N ARG C 58 -15.83 -30.35 -26.71
CA ARG C 58 -15.70 -31.46 -27.65
C ARG C 58 -14.71 -32.47 -27.09
N ILE C 59 -13.58 -31.97 -26.59
CA ILE C 59 -12.57 -32.85 -26.02
C ILE C 59 -13.17 -33.63 -24.85
N ALA C 60 -13.83 -32.91 -23.96
CA ALA C 60 -14.46 -33.58 -22.81
C ALA C 60 -15.48 -34.61 -23.27
N HIS C 61 -16.19 -34.28 -24.34
CA HIS C 61 -17.22 -35.16 -24.88
C HIS C 61 -16.72 -36.51 -25.37
N VAL C 62 -15.72 -36.48 -26.25
CA VAL C 62 -15.18 -37.73 -26.77
C VAL C 62 -14.50 -38.47 -25.63
N LEU C 63 -14.03 -37.72 -24.63
CA LEU C 63 -13.39 -38.34 -23.49
C LEU C 63 -14.42 -38.76 -22.45
N GLY C 64 -15.69 -38.65 -22.83
CA GLY C 64 -16.80 -39.04 -21.98
C GLY C 64 -16.80 -38.49 -20.57
N THR C 65 -16.40 -37.25 -20.40
CA THR C 65 -16.39 -36.63 -19.08
C THR C 65 -16.74 -35.16 -19.22
N SER C 66 -16.51 -34.38 -18.17
CA SER C 66 -16.83 -32.95 -18.20
C SER C 66 -15.59 -32.06 -18.26
N ILE C 67 -15.77 -30.82 -18.71
CA ILE C 67 -14.66 -29.89 -18.78
C ILE C 67 -14.10 -29.79 -17.39
N GLY C 68 -15.00 -29.79 -16.41
CA GLY C 68 -14.60 -29.71 -15.02
C GLY C 68 -13.59 -30.77 -14.66
N ALA C 69 -13.83 -31.99 -15.13
CA ALA C 69 -12.96 -33.13 -14.86
C ALA C 69 -11.53 -32.98 -15.39
N LEU C 70 -11.36 -32.16 -16.43
CA LEU C 70 -10.07 -31.97 -17.05
C LEU C 70 -9.38 -30.67 -16.67
N THR C 71 -9.97 -29.93 -15.74
CA THR C 71 -9.40 -28.66 -15.32
C THR C 71 -9.04 -28.67 -13.84
N PRO C 72 -8.04 -27.87 -13.47
CA PRO C 72 -7.54 -27.77 -12.09
C PRO C 72 -8.42 -27.04 -11.09
N PRO C 73 -8.29 -27.42 -9.81
CA PRO C 73 -9.05 -26.82 -8.71
C PRO C 73 -8.79 -25.31 -8.64
N ALA C 74 -9.72 -24.57 -8.04
CA ALA C 74 -9.59 -23.13 -7.93
C ALA C 74 -8.15 -22.71 -7.60
N GLY C 75 -7.50 -23.40 -6.68
CA GLY C 75 -6.14 -23.02 -6.37
C GLY C 75 -6.00 -22.66 -4.91
N ASN C 76 -4.76 -22.52 -4.43
CA ASN C 76 -4.57 -22.18 -3.02
C ASN C 76 -4.08 -20.76 -2.87
N ASP C 77 -4.67 -20.05 -1.91
CA ASP C 77 -4.33 -18.66 -1.66
C ASP C 77 -4.17 -18.36 -0.20
N LEU C 78 -3.83 -19.37 0.58
CA LEU C 78 -3.65 -19.18 2.01
C LEU C 78 -2.19 -19.01 2.44
N ASP C 79 -2.03 -18.48 3.66
CA ASP C 79 -0.76 -18.22 4.33
C ASP C 79 -0.68 -19.30 5.42
N ASP C 80 -0.24 -20.49 5.02
CA ASP C 80 -0.14 -21.65 5.90
C ASP C 80 -1.44 -22.02 6.57
N GLY C 81 -2.52 -21.98 5.77
CA GLY C 81 -3.84 -22.33 6.24
C GLY C 81 -4.76 -21.17 6.51
N VAL C 82 -4.19 -19.95 6.57
CA VAL C 82 -4.97 -18.75 6.89
C VAL C 82 -4.96 -17.65 5.80
N ILE C 83 -5.98 -16.79 5.83
CA ILE C 83 -6.10 -15.67 4.91
C ILE C 83 -6.81 -14.57 5.74
N ILE C 84 -6.32 -13.33 5.67
CA ILE C 84 -6.92 -12.26 6.48
C ILE C 84 -7.45 -11.08 5.67
N GLN C 85 -8.44 -10.38 6.21
CA GLN C 85 -9.00 -9.22 5.53
C GLN C 85 -9.15 -8.07 6.51
N MET C 86 -8.53 -6.93 6.21
CA MET C 86 -8.64 -5.75 7.06
C MET C 86 -9.92 -5.00 6.66
N PRO C 87 -10.56 -4.32 7.62
CA PRO C 87 -11.81 -3.56 7.42
C PRO C 87 -11.86 -2.69 6.19
N ASP C 88 -10.72 -2.13 5.82
CA ASP C 88 -10.62 -1.22 4.69
C ASP C 88 -10.57 -1.92 3.35
N GLU C 89 -10.27 -3.21 3.34
CA GLU C 89 -10.14 -3.97 2.10
C GLU C 89 -11.43 -4.54 1.54
N ARG C 90 -12.48 -4.49 2.34
CA ARG C 90 -13.74 -5.04 1.89
C ARG C 90 -14.29 -4.43 0.61
N PRO C 91 -14.63 -5.27 -0.36
CA PRO C 91 -15.19 -4.63 -1.55
C PRO C 91 -16.65 -4.27 -1.18
N ILE C 92 -17.14 -3.12 -1.65
CA ILE C 92 -18.51 -2.72 -1.35
C ILE C 92 -19.36 -2.80 -2.60
N LEU C 93 -20.50 -3.45 -2.50
CA LEU C 93 -21.39 -3.58 -3.65
C LEU C 93 -22.82 -3.27 -3.26
N LYS C 94 -23.50 -2.49 -4.09
CA LYS C 94 -24.87 -2.13 -3.83
C LYS C 94 -25.84 -3.20 -4.28
N GLY C 95 -26.78 -3.55 -3.43
CA GLY C 95 -27.81 -4.51 -3.82
C GLY C 95 -29.07 -3.75 -4.18
N VAL C 96 -29.32 -3.60 -5.48
CA VAL C 96 -30.49 -2.87 -5.93
C VAL C 96 -31.63 -3.77 -6.36
N ARG C 97 -32.77 -3.62 -5.72
CA ARG C 97 -33.93 -4.43 -6.08
C ARG C 97 -35.07 -3.53 -6.54
N ASP C 98 -35.33 -3.59 -7.85
CA ASP C 98 -36.39 -2.82 -8.49
C ASP C 98 -36.37 -1.33 -8.12
N ASN C 99 -35.33 -0.66 -8.63
CA ASN C 99 -35.08 0.77 -8.46
C ASN C 99 -34.98 1.27 -7.03
N VAL C 100 -34.42 0.42 -6.17
CA VAL C 100 -34.26 0.77 -4.78
C VAL C 100 -32.96 0.21 -4.21
N ASP C 101 -32.27 1.03 -3.43
CA ASP C 101 -31.06 0.55 -2.79
C ASP C 101 -31.65 -0.29 -1.66
N TYR C 102 -31.61 -1.61 -1.83
CA TYR C 102 -32.17 -2.50 -0.84
C TYR C 102 -31.17 -2.96 0.20
N TYR C 103 -29.98 -3.33 -0.25
CA TYR C 103 -28.92 -3.81 0.64
C TYR C 103 -27.59 -3.19 0.25
N VAL C 104 -26.65 -3.24 1.19
CA VAL C 104 -25.29 -2.80 0.91
C VAL C 104 -24.43 -3.97 1.32
N TYR C 105 -23.92 -4.68 0.33
CA TYR C 105 -23.09 -5.84 0.59
C TYR C 105 -21.65 -5.46 0.90
N ASN C 106 -21.26 -5.64 2.16
CA ASN C 106 -19.89 -5.35 2.57
C ASN C 106 -19.25 -6.70 2.64
N CYS C 107 -18.51 -7.03 1.60
CA CYS C 107 -17.86 -8.32 1.46
C CYS C 107 -16.65 -8.64 2.35
N LEU C 108 -16.78 -9.73 3.11
CA LEU C 108 -15.71 -10.18 3.99
C LEU C 108 -14.73 -11.16 3.28
N VAL C 109 -13.80 -11.73 4.05
CA VAL C 109 -12.79 -12.61 3.47
C VAL C 109 -13.30 -13.88 2.78
N ARG C 110 -12.79 -14.15 1.58
CA ARG C 110 -13.14 -15.35 0.82
C ARG C 110 -11.84 -16.02 0.40
N THR C 111 -11.89 -17.33 0.20
CA THR C 111 -10.71 -18.09 -0.19
C THR C 111 -11.02 -19.11 -1.26
N LYS C 112 -10.12 -19.29 -2.20
CA LYS C 112 -10.33 -20.26 -3.26
C LYS C 112 -10.36 -21.72 -2.75
N ARG C 113 -10.11 -21.93 -1.47
CA ARG C 113 -10.07 -23.27 -0.92
C ARG C 113 -11.41 -23.67 -0.33
N ALA C 114 -12.37 -22.75 -0.40
CA ALA C 114 -13.73 -22.94 0.10
C ALA C 114 -14.54 -21.93 -0.70
N PRO C 115 -14.53 -22.09 -2.02
CA PRO C 115 -15.22 -21.23 -2.99
C PRO C 115 -16.64 -20.89 -2.63
N SER C 116 -17.29 -21.78 -1.88
CA SER C 116 -18.67 -21.58 -1.50
C SER C 116 -18.81 -20.69 -0.28
N LEU C 117 -17.70 -20.23 0.26
CA LEU C 117 -17.76 -19.37 1.44
C LEU C 117 -17.87 -17.92 1.04
N VAL C 118 -19.03 -17.34 1.29
CA VAL C 118 -19.20 -15.95 0.97
C VAL C 118 -19.81 -15.22 2.16
N PRO C 119 -18.92 -14.69 3.03
CA PRO C 119 -19.29 -13.94 4.23
C PRO C 119 -19.33 -12.44 3.93
N LEU C 120 -20.17 -11.72 4.66
CA LEU C 120 -20.29 -10.29 4.41
C LEU C 120 -21.15 -9.57 5.45
N VAL C 121 -20.98 -8.26 5.56
CA VAL C 121 -21.82 -7.51 6.50
C VAL C 121 -22.89 -6.80 5.68
N VAL C 122 -24.12 -7.28 5.79
CA VAL C 122 -25.21 -6.69 5.04
C VAL C 122 -25.93 -5.55 5.75
N ASP C 123 -25.99 -4.41 5.07
CA ASP C 123 -26.69 -3.24 5.59
C ASP C 123 -28.10 -3.31 5.01
N VAL C 124 -29.08 -3.45 5.89
CA VAL C 124 -30.48 -3.53 5.48
C VAL C 124 -31.04 -2.09 5.51
N LEU C 125 -31.10 -1.49 4.32
CA LEU C 125 -31.55 -0.11 4.13
C LEU C 125 -33.06 0.19 4.14
N THR C 126 -33.90 -0.84 4.16
CA THR C 126 -35.34 -0.62 4.15
C THR C 126 -36.00 -0.95 5.48
N ASP C 127 -37.11 -0.29 5.75
CA ASP C 127 -37.85 -0.51 6.99
C ASP C 127 -39.37 -0.54 6.75
N ASN C 128 -39.76 -1.09 5.62
CA ASN C 128 -41.16 -1.23 5.29
C ASN C 128 -41.43 -2.67 4.82
N PRO C 129 -41.66 -3.60 5.77
CA PRO C 129 -41.92 -5.02 5.52
C PRO C 129 -42.89 -5.29 4.38
N ASP C 130 -43.92 -4.45 4.25
CA ASP C 130 -44.88 -4.64 3.18
C ASP C 130 -44.21 -4.45 1.83
N ASP C 131 -43.11 -3.69 1.88
CA ASP C 131 -42.31 -3.33 0.73
C ASP C 131 -41.12 -4.28 0.55
N ALA C 132 -41.12 -5.37 1.31
CA ALA C 132 -39.97 -6.26 1.37
C ALA C 132 -39.78 -6.91 0.01
N LYS C 133 -38.56 -6.84 -0.53
CA LYS C 133 -38.34 -7.40 -1.87
C LYS C 133 -37.49 -8.70 -1.84
N PHE C 134 -38.06 -9.77 -2.40
CA PHE C 134 -37.58 -11.15 -2.29
C PHE C 134 -36.58 -11.56 -3.35
N ASN C 135 -35.73 -12.53 -3.02
CA ASN C 135 -34.78 -13.10 -3.96
C ASN C 135 -35.45 -14.44 -4.23
N SER C 136 -34.84 -15.29 -5.03
CA SER C 136 -35.47 -16.57 -5.31
C SER C 136 -34.67 -17.75 -4.77
N GLY C 137 -33.99 -17.53 -3.65
CA GLY C 137 -33.16 -18.56 -3.07
C GLY C 137 -31.84 -18.68 -3.82
N HIS C 138 -30.83 -19.26 -3.20
CA HIS C 138 -29.55 -19.44 -3.85
C HIS C 138 -28.83 -20.69 -3.35
N ALA C 139 -27.68 -20.98 -3.92
CA ALA C 139 -26.92 -22.15 -3.52
C ALA C 139 -26.36 -21.99 -2.12
N GLY C 140 -26.05 -23.13 -1.51
CA GLY C 140 -25.47 -23.13 -0.17
C GLY C 140 -26.40 -22.69 0.94
N ASN C 141 -26.12 -23.18 2.14
CA ASN C 141 -26.90 -22.80 3.30
C ASN C 141 -26.37 -21.44 3.78
N GLU C 142 -27.22 -20.68 4.46
CA GLU C 142 -26.83 -19.37 4.92
C GLU C 142 -27.05 -19.16 6.41
N PHE C 143 -25.99 -18.78 7.11
CA PHE C 143 -26.06 -18.53 8.54
C PHE C 143 -26.17 -17.01 8.75
N LEU C 144 -27.06 -16.58 9.64
CA LEU C 144 -27.24 -15.16 9.85
C LEU C 144 -27.24 -14.76 11.29
N PHE C 145 -26.70 -13.58 11.54
CA PHE C 145 -26.58 -13.02 12.86
C PHE C 145 -26.99 -11.53 12.76
N VAL C 146 -27.85 -11.07 13.65
CA VAL C 146 -28.26 -9.67 13.60
C VAL C 146 -27.23 -8.87 14.37
N LEU C 147 -26.38 -8.18 13.63
CA LEU C 147 -25.30 -7.39 14.20
C LEU C 147 -25.79 -6.13 14.93
N GLU C 148 -26.60 -5.35 14.24
CA GLU C 148 -27.16 -4.15 14.82
C GLU C 148 -28.59 -4.02 14.40
N GLY C 149 -29.41 -3.39 15.22
CA GLY C 149 -30.78 -3.10 14.84
C GLY C 149 -31.82 -4.18 15.02
N GLU C 150 -32.94 -4.03 14.33
CA GLU C 150 -34.02 -4.99 14.42
C GLU C 150 -34.44 -5.39 13.01
N ILE C 151 -34.45 -6.69 12.77
CA ILE C 151 -34.77 -7.26 11.47
C ILE C 151 -36.12 -7.93 11.34
N HIS C 152 -36.77 -7.67 10.22
CA HIS C 152 -38.02 -8.31 9.93
C HIS C 152 -37.64 -9.26 8.81
N MET C 153 -37.74 -10.56 9.09
CA MET C 153 -37.38 -11.62 8.13
C MET C 153 -38.61 -12.28 7.49
N LYS C 154 -38.44 -12.75 6.27
CA LYS C 154 -39.51 -13.43 5.55
C LYS C 154 -38.89 -14.53 4.69
N TRP C 155 -39.50 -15.70 4.66
CA TRP C 155 -38.95 -16.75 3.83
C TRP C 155 -40.05 -17.65 3.26
N GLY C 156 -39.72 -18.42 2.22
CA GLY C 156 -40.69 -19.29 1.59
C GLY C 156 -41.26 -18.69 0.32
N ASP C 157 -42.56 -18.86 0.11
CA ASP C 157 -43.21 -18.30 -1.07
C ASP C 157 -43.49 -16.83 -0.83
N LYS C 158 -42.94 -15.97 -1.69
CA LYS C 158 -43.12 -14.54 -1.55
C LYS C 158 -44.59 -14.16 -1.50
N GLU C 159 -45.45 -15.00 -2.06
CA GLU C 159 -46.88 -14.74 -2.10
C GLU C 159 -47.52 -14.89 -0.71
N ASN C 160 -47.17 -15.97 -0.01
CA ASN C 160 -47.65 -16.24 1.35
C ASN C 160 -46.44 -16.79 2.11
N PRO C 161 -45.77 -15.94 2.91
CA PRO C 161 -44.60 -16.43 3.63
C PRO C 161 -44.67 -16.52 5.15
N LYS C 162 -43.56 -16.98 5.70
CA LYS C 162 -43.35 -17.12 7.13
C LYS C 162 -42.58 -15.86 7.51
N GLU C 163 -42.84 -15.34 8.71
CA GLU C 163 -42.18 -14.12 9.15
C GLU C 163 -41.71 -14.20 10.59
N ALA C 164 -40.77 -13.32 10.95
CA ALA C 164 -40.24 -13.29 12.31
C ALA C 164 -39.51 -11.98 12.55
N LEU C 165 -39.76 -11.34 13.69
CA LEU C 165 -39.08 -10.10 14.01
C LEU C 165 -37.90 -10.48 14.86
N LEU C 166 -36.70 -10.22 14.35
CA LEU C 166 -35.47 -10.58 15.05
C LEU C 166 -34.73 -9.41 15.69
N PRO C 167 -34.36 -9.55 16.96
CA PRO C 167 -33.64 -8.51 17.70
C PRO C 167 -32.11 -8.62 17.55
N THR C 168 -31.41 -7.55 17.92
CA THR C 168 -29.96 -7.56 17.83
C THR C 168 -29.41 -8.73 18.63
N GLY C 169 -28.53 -9.51 18.02
CA GLY C 169 -27.94 -10.63 18.71
C GLY C 169 -28.56 -11.98 18.37
N ALA C 170 -29.67 -11.96 17.66
CA ALA C 170 -30.32 -13.20 17.28
C ALA C 170 -29.56 -13.83 16.11
N SER C 171 -29.63 -15.16 15.99
CA SER C 171 -28.98 -15.87 14.90
C SER C 171 -29.98 -16.83 14.26
N MET C 172 -29.83 -17.01 12.96
CA MET C 172 -30.73 -17.88 12.20
C MET C 172 -30.03 -18.68 11.08
N PHE C 173 -30.70 -19.73 10.62
CA PHE C 173 -30.18 -20.56 9.53
C PHE C 173 -31.26 -20.65 8.43
N VAL C 174 -30.82 -20.55 7.17
CA VAL C 174 -31.71 -20.61 6.01
C VAL C 174 -31.20 -21.67 5.06
N GLU C 175 -31.90 -22.81 4.98
CA GLU C 175 -31.49 -23.90 4.10
C GLU C 175 -31.46 -23.42 2.65
N GLU C 176 -30.54 -23.99 1.88
CA GLU C 176 -30.37 -23.62 0.48
C GLU C 176 -31.64 -23.71 -0.36
N HIS C 177 -31.72 -22.86 -1.37
CA HIS C 177 -32.86 -22.82 -2.29
C HIS C 177 -34.12 -22.22 -1.68
N VAL C 178 -34.07 -21.92 -0.38
CA VAL C 178 -35.20 -21.32 0.28
C VAL C 178 -35.14 -19.83 -0.02
N PRO C 179 -36.25 -19.25 -0.53
CA PRO C 179 -36.30 -17.82 -0.84
C PRO C 179 -36.43 -17.04 0.46
N HIS C 180 -35.87 -15.83 0.49
CA HIS C 180 -35.94 -15.02 1.71
C HIS C 180 -35.83 -13.54 1.41
N ALA C 181 -36.25 -12.72 2.37
CA ALA C 181 -36.23 -11.25 2.28
C ALA C 181 -36.05 -10.65 3.67
N PHE C 182 -35.41 -9.49 3.73
CA PHE C 182 -35.16 -8.83 5.01
C PHE C 182 -35.45 -7.34 4.91
N THR C 183 -35.76 -6.74 6.05
CA THR C 183 -36.00 -5.31 6.16
C THR C 183 -35.75 -5.04 7.63
N ALA C 184 -35.63 -3.76 7.98
CA ALA C 184 -35.44 -3.40 9.38
C ALA C 184 -36.85 -3.44 9.96
N ALA C 185 -36.97 -3.49 11.29
CA ALA C 185 -38.30 -3.51 11.90
C ALA C 185 -38.96 -2.24 11.41
N LYS C 186 -40.24 -2.31 11.03
CA LYS C 186 -40.95 -1.14 10.49
C LYS C 186 -40.65 0.13 11.30
N GLY C 187 -40.24 1.16 10.60
CA GLY C 187 -39.98 2.46 11.20
C GLY C 187 -38.69 2.60 11.98
N THR C 188 -37.87 1.56 12.03
CA THR C 188 -36.62 1.62 12.79
C THR C 188 -35.44 2.08 11.95
N GLY C 189 -35.74 2.56 10.74
CA GLY C 189 -34.71 3.06 9.85
C GLY C 189 -33.82 2.16 9.03
N SER C 190 -32.94 1.43 9.72
CA SER C 190 -32.13 0.40 9.12
C SER C 190 -31.54 -0.54 10.17
N ALA C 191 -31.00 -1.67 9.70
CA ALA C 191 -30.38 -2.67 10.55
C ALA C 191 -29.20 -3.32 9.83
N LYS C 192 -28.29 -3.92 10.59
CA LYS C 192 -27.13 -4.59 10.02
C LYS C 192 -27.12 -6.09 10.28
N LEU C 193 -26.77 -6.86 9.25
CA LEU C 193 -26.70 -8.33 9.34
C LEU C 193 -25.34 -8.90 8.99
N ILE C 194 -24.97 -9.99 9.66
CA ILE C 194 -23.73 -10.65 9.30
C ILE C 194 -24.21 -11.97 8.68
N ALA C 195 -24.08 -12.05 7.35
CA ALA C 195 -24.51 -13.22 6.61
C ALA C 195 -23.31 -14.03 6.15
N VAL C 196 -23.40 -15.35 6.32
CA VAL C 196 -22.33 -16.24 5.91
C VAL C 196 -22.87 -17.39 5.05
N ASN C 197 -22.59 -17.35 3.75
CA ASN C 197 -23.01 -18.41 2.83
C ASN C 197 -21.91 -19.45 2.78
N PHE C 198 -22.26 -20.71 3.02
CA PHE C 198 -21.27 -21.78 2.99
C PHE C 198 -21.78 -23.03 2.29
#